data_3SH7
#
_entry.id   3SH7
#
_cell.length_a   43.490
_cell.length_b   91.000
_cell.length_c   66.160
_cell.angle_alpha   90.00
_cell.angle_beta   104.36
_cell.angle_gamma   90.00
#
_symmetry.space_group_name_H-M   'P 1 21 1'
#
loop_
_entity.id
_entity.type
_entity.pdbx_description
1 polymer Beta-lactamase
2 non-polymer 1-[6-(dimethylamino)naphthalen-2-yl]ethanone
3 water water
#
_entity_poly.entity_id   1
_entity_poly.type   'polypeptide(L)'
_entity_poly.pdbx_seq_one_letter_code
;MKTEMKDDFAKLEEQFDAKLGIFALDTGTNRTVAYRPDERFAFASTIKALTVGVLLQQKSIEDLNQRITYTRDDLVNYNP
ITEKHVDTGMTLKELADASLRYSDNAAQNLILKQIGGPESLKKELRKIGDEVTNPERFCPELNEVNPGETQDTSTARALV
TSLRAFALEDKLPSEKRELLIDWMKRNTTGDALIRAGVPDGWEVADKTGAASYGTRNDIAIIWPPKGDPVVLAVLSSRDK
KDAKYDDKLIAEATKVVMKALNMNGK
;
_entity_poly.pdbx_strand_id   A,B
#
loop_
_chem_comp.id
_chem_comp.type
_chem_comp.name
_chem_comp.formula
BB0 non-polymer 1-[6-(dimethylamino)naphthalen-2-yl]ethanone 'C14 H15 N O'
#
# COMPACT_ATOMS: atom_id res chain seq x y z
N LYS A 6 32.35 1.45 8.21
CA LYS A 6 32.77 2.48 7.23
C LYS A 6 33.20 3.81 7.87
N ASP A 7 34.14 4.49 7.21
CA ASP A 7 34.40 5.92 7.41
C ASP A 7 33.14 6.70 7.05
N ASP A 8 32.38 6.15 6.10
CA ASP A 8 31.18 6.77 5.56
C ASP A 8 30.07 6.84 6.61
N PHE A 9 29.87 5.77 7.39
CA PHE A 9 28.86 5.75 8.48
C PHE A 9 29.27 6.65 9.64
N ALA A 10 30.57 6.64 9.94
CA ALA A 10 31.14 7.47 10.98
C ALA A 10 30.95 8.96 10.65
N LYS A 11 30.99 9.27 9.36
CA LYS A 11 30.76 10.63 8.90
C LYS A 11 29.33 11.06 9.19
N LEU A 12 28.39 10.14 8.98
CA LEU A 12 26.97 10.39 9.21
C LEU A 12 26.65 10.55 10.69
N GLU A 13 27.34 9.78 11.54
CA GLU A 13 27.25 9.97 13.00
C GLU A 13 27.77 11.33 13.43
N GLU A 14 28.80 11.81 12.74
CA GLU A 14 29.41 13.10 13.00
C GLU A 14 28.47 14.21 12.52
N GLN A 15 28.02 14.11 11.26
CA GLN A 15 27.08 15.10 10.69
C GLN A 15 25.77 15.25 11.49
N PHE A 16 25.31 14.16 12.12
CA PHE A 16 24.00 14.17 12.74
C PHE A 16 24.04 14.05 14.26
N ASP A 17 25.25 14.04 14.82
CA ASP A 17 25.43 13.88 16.27
C ASP A 17 24.60 12.70 16.80
N ALA A 18 24.83 11.52 16.24
CA ALA A 18 24.05 10.35 16.61
C ALA A 18 24.85 9.07 16.52
N LYS A 19 24.32 8.02 17.14
CA LYS A 19 24.88 6.67 17.07
C LYS A 19 24.07 5.86 16.05
N LEU A 20 24.77 5.20 15.13
CA LEU A 20 24.16 4.46 14.04
C LEU A 20 24.40 2.97 14.23
N GLY A 21 23.36 2.17 13.98
CA GLY A 21 23.47 0.71 13.97
C GLY A 21 23.00 0.22 12.62
N ILE A 22 23.88 -0.51 11.91
CA ILE A 22 23.61 -0.94 10.54
C ILE A 22 23.82 -2.45 10.35
N PHE A 23 22.81 -3.12 9.81
CA PHE A 23 23.01 -4.46 9.28
C PHE A 23 22.16 -4.70 8.02
N ALA A 24 22.83 -5.12 6.94
CA ALA A 24 22.20 -5.38 5.66
C ALA A 24 22.72 -6.69 5.10
N LEU A 25 21.80 -7.50 4.58
CA LEU A 25 22.13 -8.78 3.98
C LEU A 25 21.52 -8.84 2.59
N ASP A 26 22.37 -9.06 1.58
CA ASP A 26 21.92 -9.36 0.23
C ASP A 26 21.63 -10.85 0.21
N THR A 27 20.37 -11.22 0.08
CA THR A 27 19.98 -12.63 0.19
C THR A 27 20.39 -13.45 -1.04
N GLY A 28 20.86 -12.76 -2.08
CA GLY A 28 21.30 -13.45 -3.28
C GLY A 28 22.80 -13.69 -3.41
N THR A 29 23.59 -13.22 -2.45
CA THR A 29 25.04 -13.34 -2.51
C THR A 29 25.62 -13.60 -1.13
N ASN A 30 24.78 -13.36 -0.10
CA ASN A 30 25.18 -13.40 1.32
C ASN A 30 26.15 -12.29 1.73
N ARG A 31 26.35 -11.34 0.83
CA ARG A 31 27.15 -10.17 1.15
C ARG A 31 26.44 -9.38 2.23
N THR A 32 27.25 -8.71 3.03
CA THR A 32 26.82 -8.16 4.27
C THR A 32 27.37 -6.74 4.37
N VAL A 33 26.63 -5.87 4.93
CA VAL A 33 27.10 -4.57 5.38
C VAL A 33 26.74 -4.48 6.84
N ALA A 34 27.98 -4.04 7.71
CA ALA A 34 27.80 -3.97 9.13
C ALA A 34 28.50 -2.72 9.61
N TYR A 35 27.82 -2.04 10.62
CA TYR A 35 28.39 -0.95 11.37
C TYR A 35 27.60 -0.91 12.68
N ARG A 36 28.28 -1.18 13.79
CA ARG A 36 27.66 -1.45 15.09
C ARG A 36 26.52 -2.47 15.00
N PRO A 37 26.73 -3.58 14.26
CA PRO A 37 25.57 -4.47 14.00
C PRO A 37 25.04 -5.20 15.25
N ASP A 38 25.88 -5.34 16.27
CA ASP A 38 25.49 -6.04 17.50
C ASP A 38 25.31 -5.10 18.69
N GLU A 39 25.25 -3.79 18.42
CA GLU A 39 24.96 -2.79 19.43
C GLU A 39 23.45 -2.70 19.65
N ARG A 40 23.04 -2.63 20.91
CA ARG A 40 21.63 -2.56 21.27
C ARG A 40 21.02 -1.16 21.14
N PHE A 41 19.77 -1.12 20.67
CA PHE A 41 18.97 0.11 20.57
C PHE A 41 17.57 -0.27 20.94
N ALA A 42 16.81 0.66 21.51
CA ALA A 42 15.38 0.44 21.70
C ALA A 42 14.77 0.11 20.32
N PHE A 43 14.10 -1.03 20.23
CA PHE A 43 13.56 -1.42 18.93
C PHE A 43 12.40 -0.55 18.47
N ALA A 44 11.68 0.01 19.44
CA ALA A 44 10.54 0.91 19.19
C ALA A 44 9.49 0.21 18.36
N SER A 45 8.81 0.94 17.47
CA SER A 45 7.71 0.38 16.66
C SER A 45 8.13 -0.68 15.63
N THR A 46 9.43 -0.83 15.37
CA THR A 46 9.87 -1.91 14.49
C THR A 46 9.37 -3.27 14.97
N ILE A 47 9.12 -3.38 16.28
CA ILE A 47 8.58 -4.61 16.86
C ILE A 47 7.19 -4.98 16.36
N LYS A 48 6.45 -4.00 15.85
CA LYS A 48 5.11 -4.24 15.31
C LYS A 48 5.15 -5.25 14.19
N ALA A 49 6.20 -5.19 13.38
CA ALA A 49 6.37 -6.15 12.28
C ALA A 49 6.51 -7.59 12.78
N LEU A 50 7.38 -7.82 13.77
CA LEU A 50 7.58 -9.18 14.31
C LEU A 50 6.34 -9.66 15.06
N THR A 51 5.66 -8.74 15.74
CA THR A 51 4.40 -9.05 16.43
C THR A 51 3.36 -9.60 15.44
N VAL A 52 3.21 -8.96 14.28
CA VAL A 52 2.31 -9.51 13.26
C VAL A 52 2.78 -10.90 12.73
N GLY A 53 4.10 -11.10 12.63
CA GLY A 53 4.67 -12.39 12.24
C GLY A 53 4.22 -13.51 13.15
N VAL A 54 4.35 -13.28 14.46
CA VAL A 54 3.88 -14.21 15.47
C VAL A 54 2.38 -14.38 15.37
N LEU A 55 1.66 -13.28 15.22
CA LEU A 55 0.20 -13.32 15.06
C LEU A 55 -0.21 -14.26 13.94
N LEU A 56 0.41 -14.09 12.76
CA LEU A 56 0.09 -14.90 11.58
C LEU A 56 0.39 -16.39 11.81
N GLN A 57 1.56 -16.65 12.31
CA GLN A 57 1.91 -17.93 12.73
C GLN A 57 0.84 -18.44 13.61
N GLN A 58 0.01 -17.55 14.20
CA GLN A 58 -0.74 -18.37 15.11
C GLN A 58 -2.04 -18.88 14.66
N LYS A 59 -2.32 -17.72 13.73
CA LYS A 59 -3.67 -17.89 13.42
C LYS A 59 -3.49 -18.42 12.05
N SER A 60 -4.79 -19.15 11.74
CA SER A 60 -5.17 -19.29 10.38
C SER A 60 -5.59 -17.99 9.70
N ILE A 61 -5.66 -17.98 8.40
CA ILE A 61 -6.05 -16.75 7.71
C ILE A 61 -7.53 -16.42 7.97
N GLU A 62 -8.38 -17.44 7.98
CA GLU A 62 -9.78 -17.22 8.33
C GLU A 62 -9.94 -16.69 9.77
N ASP A 63 -9.11 -17.18 10.68
CA ASP A 63 -9.14 -16.75 12.09
C ASP A 63 -8.86 -15.26 12.28
N LEU A 64 -8.18 -14.63 11.33
CA LEU A 64 -7.88 -13.19 11.38
C LEU A 64 -9.14 -12.33 11.24
N ASN A 65 -10.22 -12.95 10.79
CA ASN A 65 -11.51 -12.24 10.63
C ASN A 65 -12.29 -12.13 11.93
N GLN A 66 -11.76 -12.76 12.96
CA GLN A 66 -12.21 -12.62 14.34
C GLN A 66 -12.33 -11.13 14.73
N ARG A 67 -13.51 -10.74 15.23
CA ARG A 67 -13.78 -9.37 15.63
C ARG A 67 -13.28 -9.09 17.04
N ILE A 68 -12.51 -8.03 17.18
CA ILE A 68 -12.04 -7.62 18.49
C ILE A 68 -12.84 -6.38 18.91
N THR A 69 -13.58 -6.52 20.00
CA THR A 69 -14.24 -5.36 20.58
C THR A 69 -13.29 -4.80 21.63
N TYR A 70 -13.18 -3.48 21.65
CA TYR A 70 -12.28 -2.81 22.55
C TYR A 70 -12.95 -1.53 23.03
N THR A 71 -12.32 -0.85 23.98
CA THR A 71 -12.90 0.35 24.55
C THR A 71 -11.97 1.54 24.38
N ARG A 72 -12.45 2.69 24.84
CA ARG A 72 -11.69 3.94 24.83
C ARG A 72 -10.44 3.83 25.72
N ASP A 73 -10.51 2.92 26.67
CA ASP A 73 -9.41 2.68 27.60
C ASP A 73 -8.24 1.97 26.91
N ASP A 74 -8.51 1.34 25.78
CA ASP A 74 -7.46 0.73 24.94
C ASP A 74 -6.75 1.77 24.06
N LEU A 75 -7.40 2.91 23.84
CA LEU A 75 -6.77 3.99 23.08
C LEU A 75 -5.60 4.62 23.86
N VAL A 76 -4.47 4.78 23.18
CA VAL A 76 -3.26 5.31 23.81
C VAL A 76 -2.85 6.67 23.20
N ASN A 77 -1.56 6.85 22.90
CA ASN A 77 -1.03 8.15 22.42
C ASN A 77 -1.33 8.46 20.97
N TYR A 78 -1.48 7.41 20.17
CA TYR A 78 -1.57 7.54 18.73
C TYR A 78 -2.40 6.41 18.15
N ASN A 79 -3.63 6.75 17.77
CA ASN A 79 -4.61 5.75 17.44
C ASN A 79 -5.36 6.13 16.18
N PRO A 80 -4.64 6.38 15.07
CA PRO A 80 -5.28 6.96 13.88
C PRO A 80 -6.40 6.11 13.29
N ILE A 81 -6.30 4.78 13.38
CA ILE A 81 -7.35 3.91 12.84
C ILE A 81 -8.29 3.44 13.93
N THR A 82 -7.73 3.02 15.06
CA THR A 82 -8.52 2.44 16.16
C THR A 82 -9.48 3.41 16.85
N GLU A 83 -9.17 4.70 16.80
CA GLU A 83 -10.06 5.72 17.40
C GLU A 83 -11.38 5.84 16.64
N LYS A 84 -11.36 5.39 15.39
CA LYS A 84 -12.51 5.54 14.50
C LYS A 84 -13.49 4.35 14.57
N HIS A 85 -13.15 3.32 15.35
CA HIS A 85 -13.95 2.09 15.35
C HIS A 85 -14.16 1.43 16.71
N VAL A 86 -14.15 2.19 17.81
CA VAL A 86 -14.49 1.61 19.12
C VAL A 86 -15.94 1.14 19.13
N ASP A 87 -16.78 1.75 18.29
CA ASP A 87 -18.17 1.33 18.15
C ASP A 87 -18.29 -0.06 17.51
N THR A 88 -17.64 -0.25 16.35
CA THR A 88 -17.75 -1.48 15.57
C THR A 88 -16.79 -2.58 16.04
N GLY A 89 -15.73 -2.18 16.74
CA GLY A 89 -14.57 -3.06 16.94
C GLY A 89 -13.82 -3.20 15.63
N MET A 90 -12.77 -4.02 15.64
CA MET A 90 -11.98 -4.31 14.43
C MET A 90 -11.58 -5.77 14.40
N THR A 91 -11.51 -6.35 13.19
CA THR A 91 -11.03 -7.73 13.04
C THR A 91 -9.51 -7.77 13.24
N LEU A 92 -8.96 -8.94 13.55
CA LEU A 92 -7.52 -9.05 13.79
C LEU A 92 -6.73 -8.62 12.56
N LYS A 93 -7.26 -8.94 11.39
CA LYS A 93 -6.67 -8.57 10.10
C LYS A 93 -6.58 -7.03 9.96
N GLU A 94 -7.64 -6.33 10.36
CA GLU A 94 -7.69 -4.88 10.29
C GLU A 94 -6.74 -4.25 11.30
N LEU A 95 -6.56 -4.91 12.45
CA LEU A 95 -5.66 -4.38 13.47
C LEU A 95 -4.21 -4.51 13.01
N ALA A 96 -3.91 -5.61 12.30
CA ALA A 96 -2.58 -5.84 11.74
C ALA A 96 -2.27 -4.80 10.69
N ASP A 97 -3.28 -4.48 9.88
CA ASP A 97 -3.19 -3.43 8.86
C ASP A 97 -2.84 -2.08 9.49
N ALA A 98 -3.55 -1.72 10.54
CA ALA A 98 -3.43 -0.41 11.18
C ALA A 98 -2.09 -0.29 11.90
N SER A 99 -1.71 -1.36 12.59
CA SER A 99 -0.42 -1.44 13.26
C SER A 99 0.74 -1.27 12.27
N LEU A 100 0.74 -2.08 11.21
CA LEU A 100 1.85 -2.09 10.28
C LEU A 100 1.92 -0.85 9.41
N ARG A 101 0.77 -0.45 8.86
CA ARG A 101 0.75 0.62 7.86
C ARG A 101 0.63 2.03 8.44
N TYR A 102 0.13 2.14 9.66
CA TYR A 102 -0.04 3.44 10.30
C TYR A 102 0.72 3.55 11.60
N SER A 103 1.21 2.41 12.11
CA SER A 103 1.87 2.35 13.41
C SER A 103 0.88 2.74 14.51
N ASP A 104 -0.39 2.35 14.30
CA ASP A 104 -1.44 2.54 15.28
C ASP A 104 -1.06 1.80 16.56
N ASN A 105 -0.82 2.55 17.63
CA ASN A 105 -0.35 2.00 18.90
C ASN A 105 -1.40 1.17 19.65
N ALA A 106 -2.65 1.61 19.64
CA ALA A 106 -3.74 0.81 20.22
C ALA A 106 -3.88 -0.54 19.49
N ALA A 107 -3.76 -0.53 18.17
CA ALA A 107 -3.82 -1.76 17.34
C ALA A 107 -2.74 -2.77 17.74
N GLN A 108 -1.51 -2.28 17.95
CA GLN A 108 -0.41 -3.12 18.42
C GLN A 108 -0.70 -3.71 19.80
N ASN A 109 -1.15 -2.86 20.71
CA ASN A 109 -1.49 -3.31 22.06
C ASN A 109 -2.54 -4.41 22.08
N LEU A 110 -3.57 -4.26 21.24
CA LEU A 110 -4.62 -5.26 21.13
C LEU A 110 -4.12 -6.58 20.55
N ILE A 111 -3.18 -6.50 19.61
CA ILE A 111 -2.63 -7.68 18.97
C ILE A 111 -1.72 -8.41 19.94
N LEU A 112 -0.92 -7.65 20.67
CA LEU A 112 -0.06 -8.19 21.72
C LEU A 112 -0.84 -8.95 22.77
N LYS A 113 -1.94 -8.34 23.22
CA LYS A 113 -2.82 -8.98 24.17
C LYS A 113 -3.29 -10.33 23.62
N GLN A 114 -3.70 -10.33 22.35
CA GLN A 114 -4.24 -11.51 21.68
C GLN A 114 -3.24 -12.67 21.54
N ILE A 115 -1.95 -12.34 21.44
CA ILE A 115 -0.92 -13.37 21.34
C ILE A 115 -0.35 -13.74 22.71
N GLY A 116 -0.91 -13.14 23.75
CA GLY A 116 -0.52 -13.44 25.13
C GLY A 116 0.49 -12.48 25.74
N GLY A 117 0.66 -11.31 25.14
CA GLY A 117 1.51 -10.27 25.70
C GLY A 117 2.99 -10.39 25.38
N PRO A 118 3.79 -9.40 25.82
CA PRO A 118 5.23 -9.31 25.58
C PRO A 118 6.02 -10.56 26.02
N GLU A 119 5.63 -11.19 27.12
CA GLU A 119 6.23 -12.46 27.56
C GLU A 119 6.04 -13.56 26.52
N SER A 120 4.85 -13.61 25.95
CA SER A 120 4.55 -14.59 24.92
C SER A 120 5.25 -14.25 23.60
N LEU A 121 5.30 -12.97 23.24
CA LEU A 121 6.04 -12.53 22.05
C LEU A 121 7.52 -12.88 22.16
N LYS A 122 8.10 -12.66 23.35
CA LYS A 122 9.48 -13.06 23.58
C LYS A 122 9.65 -14.55 23.35
N LYS A 123 8.78 -15.34 23.98
CA LYS A 123 8.83 -16.80 23.89
C LYS A 123 8.77 -17.28 22.45
N GLU A 124 7.93 -16.63 21.64
CA GLU A 124 7.82 -16.99 20.22
C GLU A 124 9.02 -16.55 19.39
N LEU A 125 9.61 -15.39 19.72
CA LEU A 125 10.84 -14.97 19.02
C LEU A 125 12.02 -15.91 19.33
N ARG A 126 12.13 -16.37 20.57
CA ARG A 126 13.15 -17.34 20.95
C ARG A 126 12.99 -18.64 20.16
N LYS A 127 11.73 -19.04 19.94
CA LYS A 127 11.41 -20.25 19.19
C LYS A 127 11.87 -20.18 17.74
N ILE A 128 11.82 -19.00 17.12
CA ILE A 128 12.28 -18.87 15.74
C ILE A 128 13.78 -18.59 15.63
N GLY A 129 14.45 -18.58 16.78
CA GLY A 129 15.91 -18.42 16.83
C GLY A 129 16.45 -17.04 17.17
N ASP A 130 15.60 -16.16 17.70
CA ASP A 130 16.03 -14.82 18.11
C ASP A 130 16.22 -14.78 19.62
N GLU A 131 17.49 -14.72 20.04
CA GLU A 131 17.84 -14.70 21.46
C GLU A 131 18.18 -13.29 21.94
N VAL A 132 18.21 -12.34 21.00
CA VAL A 132 18.61 -10.97 21.26
C VAL A 132 17.43 -10.07 21.63
N THR A 133 16.40 -10.07 20.79
CA THR A 133 15.24 -9.19 20.97
C THR A 133 14.55 -9.44 22.31
N ASN A 134 14.27 -8.36 23.01
CA ASN A 134 13.83 -8.40 24.42
C ASN A 134 12.51 -7.70 24.71
N PRO A 135 11.39 -8.23 24.21
CA PRO A 135 10.13 -7.57 24.53
C PRO A 135 9.81 -7.77 26.01
N GLU A 136 9.50 -6.69 26.72
CA GLU A 136 9.15 -6.80 28.14
C GLU A 136 7.84 -6.10 28.46
N ARG A 137 7.67 -4.90 27.92
CA ARG A 137 6.56 -4.02 28.26
C ARG A 137 5.67 -3.64 27.09
N PHE A 138 4.40 -3.40 27.41
CA PHE A 138 3.51 -2.65 26.55
C PHE A 138 4.02 -1.23 26.51
N CYS A 139 3.80 -0.57 25.38
CA CYS A 139 4.38 0.74 25.09
C CYS A 139 5.89 0.75 25.39
N PRO A 140 6.65 -0.11 24.67
CA PRO A 140 8.06 -0.46 24.85
C PRO A 140 8.99 0.41 25.73
N GLU A 141 9.21 1.73 25.54
CA GLU A 141 9.01 2.66 24.41
C GLU A 141 8.93 3.96 25.18
N LEU A 142 8.31 3.84 26.36
CA LEU A 142 8.36 4.83 27.43
C LEU A 142 8.95 4.22 28.70
N ASN A 143 9.71 3.13 28.59
CA ASN A 143 10.08 2.32 29.79
C ASN A 143 10.69 2.95 31.10
N GLU A 144 11.77 3.73 31.07
CA GLU A 144 12.78 3.84 29.99
C GLU A 144 14.03 4.57 30.49
N VAL A 145 15.20 3.91 30.57
CA VAL A 145 15.38 2.47 30.82
C VAL A 145 16.63 2.15 31.70
N ASN A 146 17.81 2.75 31.47
CA ASN A 146 18.17 3.67 30.36
C ASN A 146 19.37 3.12 29.55
N PRO A 147 20.50 3.88 29.45
CA PRO A 147 21.77 3.17 29.17
C PRO A 147 22.35 2.53 30.45
N GLY A 148 22.85 1.30 30.37
CA GLY A 148 22.79 0.46 29.18
C GLY A 148 21.99 -0.80 29.45
N GLU A 149 20.74 -0.60 29.90
CA GLU A 149 19.79 -1.68 30.17
C GLU A 149 19.29 -2.32 28.87
N THR A 150 18.76 -3.55 28.93
CA THR A 150 18.44 -4.31 27.71
C THR A 150 16.95 -4.57 27.40
N GLN A 151 16.05 -4.15 28.29
CA GLN A 151 14.63 -4.40 28.08
C GLN A 151 14.05 -3.57 26.95
N ASP A 152 13.28 -4.26 26.11
CA ASP A 152 12.69 -3.70 24.91
C ASP A 152 13.73 -3.18 23.90
N THR A 153 14.87 -3.87 23.84
CA THR A 153 15.92 -3.58 22.84
C THR A 153 16.21 -4.76 21.92
N SER A 154 16.87 -4.47 20.82
CA SER A 154 17.39 -5.48 19.91
C SER A 154 18.58 -4.87 19.19
N THR A 155 19.14 -5.62 18.24
CA THR A 155 20.29 -5.16 17.47
C THR A 155 19.91 -5.17 15.98
N ALA A 156 20.65 -4.44 15.14
CA ALA A 156 20.37 -4.45 13.72
C ALA A 156 20.47 -5.88 13.17
N ARG A 157 21.46 -6.64 13.62
CA ARG A 157 21.60 -8.04 13.19
C ARG A 157 20.37 -8.91 13.53
N ALA A 158 19.90 -8.86 14.77
CA ALA A 158 18.78 -9.71 15.19
C ALA A 158 17.47 -9.34 14.51
N LEU A 159 17.23 -8.05 14.31
CA LEU A 159 16.01 -7.58 13.64
C LEU A 159 15.95 -8.00 12.17
N VAL A 160 17.08 -7.91 11.47
CA VAL A 160 17.20 -8.37 10.08
C VAL A 160 16.90 -9.87 10.02
N THR A 161 17.56 -10.62 10.90
CA THR A 161 17.48 -12.07 10.95
C THR A 161 16.05 -12.52 11.22
N SER A 162 15.37 -11.83 12.14
CA SER A 162 13.98 -12.15 12.47
C SER A 162 12.96 -11.73 11.41
N LEU A 163 13.12 -10.51 10.89
CA LEU A 163 12.30 -10.07 9.75
C LEU A 163 12.46 -11.04 8.58
N ARG A 164 13.70 -11.37 8.20
CA ARG A 164 13.94 -12.34 7.13
C ARG A 164 13.25 -13.68 7.39
N ALA A 165 13.37 -14.19 8.62
CA ALA A 165 12.76 -15.46 9.02
C ALA A 165 11.25 -15.53 8.76
N PHE A 166 10.51 -14.47 9.11
CA PHE A 166 9.08 -14.44 8.90
C PHE A 166 8.72 -14.17 7.45
N ALA A 167 9.39 -13.16 6.87
CA ALA A 167 9.00 -12.62 5.59
C ALA A 167 9.46 -13.45 4.41
N LEU A 168 10.63 -14.08 4.53
CA LEU A 168 11.30 -14.69 3.37
C LEU A 168 11.62 -16.18 3.49
N GLU A 169 11.80 -16.65 4.72
CA GLU A 169 12.17 -18.06 4.95
C GLU A 169 10.97 -18.95 5.30
N ASP A 170 11.06 -19.77 6.35
CA ASP A 170 10.00 -20.75 6.62
C ASP A 170 9.30 -20.64 7.98
N LYS A 171 9.34 -19.47 8.61
CA LYS A 171 8.59 -19.33 9.86
C LYS A 171 7.09 -19.17 9.61
N LEU A 172 6.73 -18.93 8.34
CA LEU A 172 5.34 -18.76 7.88
C LEU A 172 5.12 -19.51 6.57
N PRO A 173 3.88 -19.99 6.35
CA PRO A 173 3.52 -20.50 5.02
C PRO A 173 3.35 -19.32 4.06
N SER A 174 3.48 -19.59 2.76
CA SER A 174 3.58 -18.51 1.76
C SER A 174 2.43 -17.51 1.72
N GLU A 175 1.19 -17.98 1.93
CA GLU A 175 0.04 -17.06 1.89
C GLU A 175 0.00 -16.08 3.06
N LYS A 176 0.55 -16.48 4.20
CA LYS A 176 0.70 -15.59 5.35
C LYS A 176 1.87 -14.64 5.17
N ARG A 177 2.96 -15.13 4.57
CA ARG A 177 4.08 -14.31 4.10
C ARG A 177 3.58 -13.16 3.23
N GLU A 178 2.72 -13.49 2.27
CA GLU A 178 2.14 -12.51 1.34
C GLU A 178 1.43 -11.37 2.08
N LEU A 179 0.67 -11.68 3.13
CA LEU A 179 -0.03 -10.63 3.87
C LEU A 179 0.95 -9.68 4.56
N LEU A 180 1.95 -10.26 5.23
CA LEU A 180 2.91 -9.45 5.98
C LEU A 180 3.67 -8.53 5.03
N ILE A 181 4.17 -9.10 3.95
CA ILE A 181 4.94 -8.38 2.95
C ILE A 181 4.13 -7.27 2.29
N ASP A 182 2.89 -7.59 1.91
CA ASP A 182 2.01 -6.59 1.31
C ASP A 182 1.76 -5.39 2.23
N TRP A 183 1.42 -5.65 3.49
CA TRP A 183 1.20 -4.58 4.49
C TRP A 183 2.42 -3.67 4.61
N MET A 184 3.59 -4.28 4.71
CA MET A 184 4.85 -3.53 4.84
C MET A 184 5.22 -2.76 3.56
N LYS A 185 4.89 -3.31 2.40
CA LYS A 185 5.08 -2.59 1.14
C LYS A 185 4.25 -1.32 1.11
N ARG A 186 3.04 -1.40 1.65
CA ARG A 186 2.10 -0.27 1.61
C ARG A 186 2.11 0.52 2.92
N ASN A 187 3.23 0.45 3.64
CA ASN A 187 3.44 1.30 4.81
C ASN A 187 3.34 2.79 4.45
N THR A 188 2.69 3.57 5.31
CA THR A 188 2.51 5.02 5.07
C THR A 188 3.49 5.90 5.84
N THR A 189 4.30 5.29 6.69
CA THR A 189 5.12 6.05 7.65
C THR A 189 6.61 6.16 7.30
N GLY A 190 7.05 5.55 6.20
CA GLY A 190 8.49 5.45 5.93
C GLY A 190 9.06 6.16 4.72
N ASP A 191 8.31 7.09 4.16
CA ASP A 191 8.73 7.74 2.91
C ASP A 191 10.07 8.48 2.98
N ALA A 192 10.37 9.05 4.14
CA ALA A 192 11.57 9.86 4.31
C ALA A 192 12.75 9.06 4.88
N LEU A 193 12.54 7.76 5.08
CA LEU A 193 13.54 6.89 5.72
C LEU A 193 14.28 5.98 4.71
N ILE A 194 14.22 4.66 4.89
CA ILE A 194 14.86 3.73 3.94
C ILE A 194 14.43 3.95 2.49
N ARG A 195 13.12 4.13 2.25
CA ARG A 195 12.55 4.38 0.92
C ARG A 195 13.25 5.51 0.15
N ALA A 196 13.66 6.55 0.88
CA ALA A 196 14.35 7.72 0.32
C ALA A 196 15.85 7.49 0.06
N GLY A 197 16.33 6.30 0.39
CA GLY A 197 17.76 5.99 0.20
C GLY A 197 17.98 4.88 -0.82
N VAL A 198 16.89 4.38 -1.38
CA VAL A 198 16.87 3.26 -2.31
C VAL A 198 16.62 3.83 -3.72
N PRO A 199 17.14 3.17 -4.77
CA PRO A 199 16.93 3.77 -6.10
C PRO A 199 15.46 3.73 -6.51
N ASP A 200 15.06 4.66 -7.37
CA ASP A 200 13.66 4.81 -7.73
C ASP A 200 13.10 3.56 -8.41
N GLY A 201 11.83 3.27 -8.10
CA GLY A 201 11.12 2.13 -8.71
C GLY A 201 11.34 0.75 -8.10
N TRP A 202 12.24 0.65 -7.12
CA TRP A 202 12.49 -0.63 -6.43
C TRP A 202 11.47 -0.81 -5.29
N GLU A 203 10.84 -1.99 -5.21
CA GLU A 203 9.88 -2.21 -4.14
C GLU A 203 10.56 -2.32 -2.77
N VAL A 204 9.93 -1.71 -1.78
CA VAL A 204 10.40 -1.69 -0.41
C VAL A 204 9.25 -2.03 0.54
N ALA A 205 9.49 -3.01 1.41
CA ALA A 205 8.61 -3.29 2.54
C ALA A 205 9.32 -2.77 3.77
N ASP A 206 8.67 -1.98 4.61
CA ASP A 206 9.38 -1.45 5.78
C ASP A 206 8.48 -1.24 7.01
N LYS A 207 9.09 -1.26 8.19
CA LYS A 207 8.43 -0.81 9.41
C LYS A 207 9.32 0.20 10.13
N THR A 208 8.74 1.34 10.49
CA THR A 208 9.45 2.42 11.19
C THR A 208 9.31 2.33 12.70
N GLY A 209 10.23 2.99 13.40
CA GLY A 209 10.17 3.11 14.85
C GLY A 209 10.66 4.48 15.27
N ALA A 210 10.08 5.00 16.32
CA ALA A 210 10.55 6.18 17.01
C ALA A 210 10.47 6.10 18.53
N ALA A 211 11.52 6.38 19.25
CA ALA A 211 11.75 6.49 20.67
C ALA A 211 12.69 7.57 21.13
N SER A 212 12.40 8.16 22.34
CA SER A 212 13.31 8.97 23.13
C SER A 212 14.77 8.69 22.76
N TYR A 213 15.54 9.67 23.49
CA TYR A 213 16.95 9.57 23.11
C TYR A 213 17.14 9.60 21.60
N GLY A 214 16.27 10.35 20.92
CA GLY A 214 16.39 10.57 19.49
C GLY A 214 16.48 9.29 18.68
N THR A 215 15.83 8.24 19.19
CA THR A 215 15.78 6.94 18.53
C THR A 215 14.87 6.98 17.32
N ARG A 216 15.47 6.72 16.17
CA ARG A 216 14.75 6.71 14.92
C ARG A 216 15.19 5.47 14.14
N ASN A 217 14.24 4.54 13.91
CA ASN A 217 14.55 3.23 13.32
C ASN A 217 13.75 2.91 12.06
N ASP A 218 14.28 2.00 11.25
CA ASP A 218 13.59 1.49 10.07
C ASP A 218 14.21 0.15 9.67
N ILE A 219 13.36 -0.86 9.55
CA ILE A 219 13.75 -2.16 9.06
C ILE A 219 12.99 -2.43 7.77
N ALA A 220 13.65 -3.08 6.82
CA ALA A 220 13.11 -3.15 5.47
C ALA A 220 13.55 -4.37 4.68
N ILE A 221 12.72 -4.77 3.73
CA ILE A 221 13.14 -5.66 2.67
C ILE A 221 13.07 -4.85 1.38
N ILE A 222 14.14 -4.92 0.58
CA ILE A 222 14.26 -4.13 -0.62
C ILE A 222 14.44 -5.06 -1.79
N TRP A 223 13.48 -5.18 -2.69
CA TRP A 223 13.63 -5.94 -3.91
C TRP A 223 14.17 -5.12 -5.04
N PRO A 224 15.31 -5.53 -5.56
CA PRO A 224 15.75 -5.06 -6.84
C PRO A 224 14.88 -5.52 -7.98
N PRO A 225 14.51 -4.82 -8.93
CA PRO A 225 13.92 -5.21 -10.19
C PRO A 225 13.96 -6.68 -10.53
N LYS A 226 15.24 -7.24 -10.89
CA LYS A 226 15.41 -8.68 -10.90
C LYS A 226 16.24 -9.22 -9.78
N GLY A 227 15.79 -10.32 -9.25
CA GLY A 227 16.62 -11.04 -8.29
C GLY A 227 16.31 -10.84 -6.83
N ASP A 228 17.19 -11.40 -6.00
CA ASP A 228 16.94 -11.60 -4.59
C ASP A 228 17.02 -10.32 -3.75
N PRO A 229 16.08 -10.17 -2.79
CA PRO A 229 15.97 -8.94 -2.00
C PRO A 229 17.08 -8.71 -0.98
N VAL A 230 17.26 -7.44 -0.59
CA VAL A 230 18.13 -7.09 0.52
C VAL A 230 17.24 -6.92 1.75
N VAL A 231 17.71 -7.40 2.90
CA VAL A 231 17.06 -7.16 4.18
C VAL A 231 17.98 -6.24 4.99
N LEU A 232 17.43 -5.14 5.46
CA LEU A 232 18.21 -4.08 6.08
C LEU A 232 17.56 -3.60 7.37
N ALA A 233 18.40 -3.36 8.37
CA ALA A 233 18.02 -2.60 9.55
C ALA A 233 18.94 -1.39 9.73
N VAL A 234 18.33 -0.21 9.82
CA VAL A 234 19.05 1.01 10.15
C VAL A 234 18.46 1.53 11.46
N LEU A 235 19.29 1.58 12.49
CA LEU A 235 18.89 2.01 13.83
C LEU A 235 19.73 3.19 14.23
N SER A 236 19.15 4.07 15.04
CA SER A 236 19.85 5.27 15.48
C SER A 236 19.31 5.74 16.83
N SER A 237 20.18 6.36 17.62
CA SER A 237 19.81 7.00 18.88
C SER A 237 20.76 8.16 19.15
N ARG A 238 20.42 8.99 20.13
CA ARG A 238 21.25 10.13 20.48
C ARG A 238 21.44 10.28 21.99
N ASP A 239 22.41 11.12 22.36
CA ASP A 239 22.82 11.38 23.75
C ASP A 239 21.70 11.72 24.74
N LYS A 240 20.91 12.75 24.42
CA LYS A 240 19.98 13.32 25.40
C LYS A 240 18.60 12.70 25.28
N LYS A 241 18.01 12.38 26.42
CA LYS A 241 16.64 11.85 26.48
C LYS A 241 15.66 12.60 25.57
N ASP A 242 15.76 13.92 25.54
CA ASP A 242 14.80 14.74 24.78
C ASP A 242 15.34 15.20 23.41
N ALA A 243 16.45 14.59 22.96
CA ALA A 243 17.00 14.88 21.64
C ALA A 243 16.01 14.50 20.56
N LYS A 244 15.98 15.32 19.51
CA LYS A 244 15.18 15.08 18.33
C LYS A 244 15.97 14.33 17.27
N TYR A 245 15.29 13.52 16.46
CA TYR A 245 15.93 12.82 15.36
C TYR A 245 15.68 13.52 14.04
N ASP A 246 16.54 13.24 13.07
CA ASP A 246 16.41 13.74 11.72
C ASP A 246 16.30 12.54 10.78
N ASP A 247 15.15 12.37 10.15
CA ASP A 247 14.91 11.27 9.21
C ASP A 247 15.98 11.14 8.15
N LYS A 248 16.61 12.26 7.82
CA LYS A 248 17.63 12.30 6.78
C LYS A 248 18.83 11.40 7.11
N LEU A 249 19.07 11.18 8.40
CA LEU A 249 20.14 10.27 8.81
C LEU A 249 19.89 8.86 8.27
N ILE A 250 18.65 8.39 8.39
CA ILE A 250 18.24 7.07 7.91
C ILE A 250 18.36 6.93 6.38
N ALA A 251 17.92 7.95 5.64
CA ALA A 251 17.98 7.92 4.17
C ALA A 251 19.41 7.88 3.66
N GLU A 252 20.27 8.72 4.25
CA GLU A 252 21.70 8.79 3.90
C GLU A 252 22.45 7.49 4.28
N ALA A 253 22.13 6.94 5.44
CA ALA A 253 22.71 5.67 5.85
C ALA A 253 22.37 4.58 4.83
N THR A 254 21.11 4.52 4.44
CA THR A 254 20.64 3.59 3.42
C THR A 254 21.41 3.76 2.10
N LYS A 255 21.55 5.02 1.63
CA LYS A 255 22.34 5.29 0.42
C LYS A 255 23.74 4.66 0.49
N VAL A 256 24.40 4.82 1.64
CA VAL A 256 25.73 4.24 1.87
C VAL A 256 25.70 2.73 1.77
N VAL A 257 24.70 2.11 2.39
CA VAL A 257 24.47 0.66 2.32
C VAL A 257 24.31 0.19 0.87
N MET A 258 23.47 0.90 0.09
CA MET A 258 23.23 0.51 -1.30
C MET A 258 24.51 0.61 -2.15
N LYS A 259 25.33 1.62 -1.89
CA LYS A 259 26.61 1.74 -2.57
C LYS A 259 27.55 0.60 -2.23
N ALA A 260 27.57 0.21 -0.96
CA ALA A 260 28.45 -0.86 -0.50
C ALA A 260 28.11 -2.24 -1.09
N LEU A 261 26.88 -2.38 -1.61
CA LEU A 261 26.41 -3.66 -2.18
C LEU A 261 26.14 -3.64 -3.69
N ASN A 262 26.10 -2.46 -4.31
CA ASN A 262 25.62 -2.35 -5.69
C ASN A 262 26.75 -2.48 -6.70
N ASP B 8 -13.83 26.97 -6.10
CA ASP B 8 -12.81 26.00 -5.62
C ASP B 8 -12.20 25.21 -6.78
N PHE B 9 -13.03 24.52 -7.55
CA PHE B 9 -12.53 23.65 -8.64
C PHE B 9 -11.86 24.39 -9.81
N ALA B 10 -12.40 25.55 -10.17
CA ALA B 10 -11.80 26.39 -11.22
C ALA B 10 -10.44 26.93 -10.79
N LYS B 11 -10.31 27.26 -9.51
CA LYS B 11 -9.03 27.69 -8.94
C LYS B 11 -7.97 26.64 -9.16
N LEU B 12 -8.34 25.37 -8.92
CA LEU B 12 -7.42 24.24 -9.08
C LEU B 12 -6.99 24.05 -10.53
N GLU B 13 -7.92 24.23 -11.46
CA GLU B 13 -7.63 24.21 -12.89
C GLU B 13 -6.57 25.26 -13.29
N GLU B 14 -6.71 26.49 -12.78
CA GLU B 14 -5.71 27.57 -12.97
C GLU B 14 -4.38 27.18 -12.32
N GLN B 15 -4.44 26.84 -11.03
CA GLN B 15 -3.26 26.52 -10.22
C GLN B 15 -2.41 25.38 -10.77
N PHE B 16 -3.04 24.43 -11.44
CA PHE B 16 -2.33 23.26 -11.92
C PHE B 16 -2.33 23.20 -13.44
N ASP B 17 -2.78 24.28 -14.07
CA ASP B 17 -2.82 24.37 -15.54
C ASP B 17 -3.39 23.07 -16.13
N ALA B 18 -4.63 22.76 -15.73
CA ALA B 18 -5.29 21.54 -16.16
C ALA B 18 -6.80 21.69 -16.18
N LYS B 19 -7.45 20.71 -16.77
CA LYS B 19 -8.91 20.60 -16.75
C LYS B 19 -9.34 19.45 -15.82
N LEU B 20 -10.42 19.69 -15.10
CA LEU B 20 -10.96 18.75 -14.13
C LEU B 20 -12.30 18.14 -14.55
N GLY B 21 -12.44 16.83 -14.35
CA GLY B 21 -13.74 16.16 -14.44
C GLY B 21 -14.07 15.49 -13.11
N ILE B 22 -15.12 15.95 -12.46
CA ILE B 22 -15.43 15.50 -11.11
C ILE B 22 -16.90 15.12 -10.93
N PHE B 23 -17.11 13.93 -10.38
CA PHE B 23 -18.42 13.50 -9.89
C PHE B 23 -18.24 12.64 -8.67
N ALA B 24 -19.05 12.93 -7.65
CA ALA B 24 -19.05 12.21 -6.39
C ALA B 24 -20.48 11.99 -5.92
N LEU B 25 -20.74 10.84 -5.34
CA LEU B 25 -22.06 10.50 -4.84
C LEU B 25 -21.94 9.91 -3.46
N ASP B 26 -22.62 10.51 -2.49
CA ASP B 26 -22.75 9.90 -1.17
C ASP B 26 -23.89 8.88 -1.24
N THR B 27 -23.60 7.60 -1.09
CA THR B 27 -24.63 6.57 -1.25
C THR B 27 -25.61 6.47 -0.09
N GLY B 28 -25.34 7.20 0.98
CA GLY B 28 -26.28 7.26 2.10
C GLY B 28 -27.34 8.34 1.92
N THR B 29 -26.92 9.49 1.43
CA THR B 29 -27.82 10.64 1.32
C THR B 29 -28.27 10.93 -0.12
N ASN B 30 -27.51 10.42 -1.08
CA ASN B 30 -27.72 10.68 -2.51
C ASN B 30 -27.30 12.08 -2.95
N ARG B 31 -26.63 12.79 -2.05
CA ARG B 31 -26.02 14.08 -2.37
C ARG B 31 -24.84 13.86 -3.30
N THR B 32 -24.60 14.85 -4.13
CA THR B 32 -23.62 14.79 -5.14
C THR B 32 -22.76 16.00 -5.23
N VAL B 33 -21.56 15.81 -5.72
CA VAL B 33 -20.73 16.90 -6.05
C VAL B 33 -20.34 16.81 -7.46
N ALA B 34 -20.57 17.76 -8.44
CA ALA B 34 -20.18 17.49 -9.81
C ALA B 34 -19.38 18.67 -10.33
N TYR B 35 -18.40 18.64 -11.21
CA TYR B 35 -17.68 19.67 -11.94
C TYR B 35 -17.26 19.09 -13.28
N ARG B 36 -17.84 19.63 -14.35
CA ARG B 36 -17.79 19.00 -15.67
C ARG B 36 -18.01 17.47 -15.54
N PRO B 37 -19.13 17.05 -14.90
CA PRO B 37 -19.32 15.61 -14.70
C PRO B 37 -19.58 14.82 -15.97
N ASP B 38 -20.00 15.51 -17.04
CA ASP B 38 -20.35 14.87 -18.30
C ASP B 38 -19.35 15.22 -19.41
N GLU B 39 -18.20 15.77 -19.01
CA GLU B 39 -17.11 16.03 -19.93
C GLU B 39 -16.31 14.74 -20.14
N ARG B 40 -15.99 14.45 -21.39
CA ARG B 40 -15.23 13.24 -21.73
C ARG B 40 -13.73 13.40 -21.47
N PHE B 41 -13.12 12.38 -20.87
CA PHE B 41 -11.67 12.26 -20.70
C PHE B 41 -11.30 10.84 -21.09
N ALA B 42 -10.08 10.64 -21.58
CA ALA B 42 -9.56 9.29 -21.76
C ALA B 42 -9.60 8.59 -20.39
N PHE B 43 -10.15 7.37 -20.33
CA PHE B 43 -10.31 6.74 -19.03
C PHE B 43 -9.02 6.15 -18.49
N ALA B 44 -8.10 5.84 -19.41
CA ALA B 44 -6.81 5.24 -19.10
C ALA B 44 -6.95 3.92 -18.31
N SER B 45 -6.05 3.66 -17.36
CA SER B 45 -6.12 2.40 -16.60
C SER B 45 -7.26 2.28 -15.59
N THR B 46 -8.06 3.34 -15.39
CA THR B 46 -9.24 3.20 -14.53
C THR B 46 -10.17 2.10 -15.09
N ILE B 47 -10.07 1.86 -16.39
CA ILE B 47 -10.88 0.86 -17.07
C ILE B 47 -10.60 -0.56 -16.54
N LYS B 48 -9.41 -0.74 -15.98
CA LYS B 48 -9.01 -2.03 -15.41
C LYS B 48 -9.97 -2.51 -14.34
N ALA B 49 -10.44 -1.59 -13.51
CA ALA B 49 -11.43 -1.91 -12.47
C ALA B 49 -12.72 -2.44 -13.07
N LEU B 50 -13.21 -1.78 -14.12
CA LEU B 50 -14.43 -2.20 -14.79
C LEU B 50 -14.23 -3.53 -15.52
N THR B 51 -13.02 -3.77 -16.00
CA THR B 51 -12.73 -4.97 -16.75
C THR B 51 -12.79 -6.17 -15.80
N VAL B 52 -12.19 -6.03 -14.61
CA VAL B 52 -12.26 -7.05 -13.60
C VAL B 52 -13.71 -7.28 -13.16
N GLY B 53 -14.50 -6.21 -13.07
CA GLY B 53 -15.93 -6.35 -12.82
C GLY B 53 -16.61 -7.30 -13.79
N VAL B 54 -16.36 -7.10 -15.09
CA VAL B 54 -16.89 -7.98 -16.13
C VAL B 54 -16.34 -9.41 -15.99
N LEU B 55 -15.03 -9.54 -15.91
CA LEU B 55 -14.38 -10.82 -15.64
C LEU B 55 -15.10 -11.62 -14.54
N LEU B 56 -15.34 -10.97 -13.40
CA LEU B 56 -16.00 -11.61 -12.27
C LEU B 56 -17.46 -12.05 -12.54
N GLN B 57 -18.18 -11.34 -13.40
CA GLN B 57 -19.53 -11.78 -13.81
C GLN B 57 -19.51 -13.09 -14.61
N GLN B 58 -18.33 -13.41 -15.19
CA GLN B 58 -18.27 -14.47 -16.20
C GLN B 58 -17.62 -15.74 -15.66
N LYS B 59 -16.59 -15.63 -14.53
CA LYS B 59 -15.75 -16.72 -14.12
C LYS B 59 -16.16 -17.09 -12.72
N SER B 60 -16.15 -18.41 -12.32
CA SER B 60 -16.30 -18.90 -10.96
C SER B 60 -15.00 -18.61 -10.21
N ILE B 61 -15.06 -18.65 -8.88
CA ILE B 61 -13.87 -18.61 -8.05
C ILE B 61 -12.90 -19.70 -8.53
N GLU B 62 -13.46 -20.86 -8.88
CA GLU B 62 -12.76 -22.01 -9.43
C GLU B 62 -11.99 -21.68 -10.71
N ASP B 63 -12.65 -21.00 -11.65
CA ASP B 63 -12.04 -20.66 -12.94
C ASP B 63 -10.93 -19.62 -12.83
N LEU B 64 -11.06 -18.71 -11.85
CA LEU B 64 -10.04 -17.71 -11.58
C LEU B 64 -8.73 -18.37 -11.15
N ASN B 65 -8.83 -19.61 -10.68
CA ASN B 65 -7.66 -20.37 -10.27
C ASN B 65 -6.88 -21.05 -11.39
N GLN B 66 -7.43 -21.03 -12.60
CA GLN B 66 -6.74 -21.66 -13.73
C GLN B 66 -5.46 -20.90 -14.10
N ARG B 67 -4.37 -21.65 -14.26
CA ARG B 67 -3.09 -21.10 -14.67
C ARG B 67 -3.17 -20.62 -16.12
N ILE B 68 -2.79 -19.37 -16.32
CA ILE B 68 -2.67 -18.80 -17.65
C ILE B 68 -1.18 -18.78 -18.00
N THR B 69 -0.85 -19.42 -19.12
CA THR B 69 0.52 -19.39 -19.64
C THR B 69 0.64 -18.34 -20.74
N TYR B 70 1.73 -17.60 -20.71
CA TYR B 70 2.00 -16.52 -21.65
C TYR B 70 3.50 -16.46 -21.85
N THR B 71 3.94 -15.80 -22.92
CA THR B 71 5.36 -15.69 -23.23
C THR B 71 5.83 -14.24 -23.13
N ARG B 72 7.08 -14.00 -23.49
CA ARG B 72 7.63 -12.64 -23.51
C ARG B 72 7.01 -11.74 -24.58
N ASP B 73 6.39 -12.35 -25.59
CA ASP B 73 5.67 -11.63 -26.65
C ASP B 73 4.38 -10.99 -26.14
N ASP B 74 3.90 -11.48 -25.00
CA ASP B 74 2.68 -10.95 -24.38
C ASP B 74 2.97 -9.72 -23.51
N LEU B 75 4.24 -9.52 -23.18
CA LEU B 75 4.66 -8.36 -22.39
C LEU B 75 4.57 -7.10 -23.24
N VAL B 76 4.23 -5.99 -22.58
CA VAL B 76 4.00 -4.71 -23.26
C VAL B 76 4.85 -3.62 -22.57
N ASN B 77 4.40 -2.37 -22.51
CA ASN B 77 5.24 -1.29 -21.96
C ASN B 77 5.54 -1.41 -20.46
N TYR B 78 4.56 -1.88 -19.69
CA TYR B 78 4.69 -1.88 -18.24
C TYR B 78 4.12 -3.17 -17.66
N ASN B 79 5.03 -4.02 -17.18
CA ASN B 79 4.74 -5.39 -16.76
C ASN B 79 5.30 -5.71 -15.37
N PRO B 80 4.97 -4.89 -14.36
CA PRO B 80 5.65 -5.03 -13.07
C PRO B 80 5.63 -6.46 -12.46
N ILE B 81 4.50 -7.16 -12.57
CA ILE B 81 4.34 -8.46 -11.90
C ILE B 81 4.52 -9.58 -12.92
N THR B 82 3.92 -9.31 -14.07
CA THR B 82 3.80 -10.22 -15.17
C THR B 82 5.17 -10.63 -15.78
N GLU B 83 6.15 -9.72 -15.80
CA GLU B 83 7.51 -10.06 -16.24
C GLU B 83 8.24 -11.07 -15.32
N LYS B 84 7.88 -11.09 -14.04
CA LYS B 84 8.49 -12.03 -13.09
C LYS B 84 8.03 -13.47 -13.27
N HIS B 85 6.87 -13.67 -13.91
CA HIS B 85 6.23 -14.99 -13.94
C HIS B 85 6.02 -15.56 -15.33
N VAL B 86 6.76 -15.04 -16.30
CA VAL B 86 6.65 -15.50 -17.68
C VAL B 86 6.88 -17.02 -17.74
N ASP B 87 7.83 -17.49 -16.93
CA ASP B 87 8.23 -18.90 -16.85
C ASP B 87 7.18 -19.82 -16.21
N THR B 88 6.63 -19.41 -15.08
CA THR B 88 5.73 -20.25 -14.29
C THR B 88 4.25 -20.05 -14.59
N GLY B 89 3.93 -18.97 -15.31
CA GLY B 89 2.54 -18.62 -15.57
C GLY B 89 1.90 -17.90 -14.40
N MET B 90 0.67 -17.44 -14.58
CA MET B 90 -0.10 -16.79 -13.52
C MET B 90 -1.56 -17.22 -13.58
N THR B 91 -2.18 -17.41 -12.42
CA THR B 91 -3.61 -17.69 -12.39
C THR B 91 -4.33 -16.41 -12.77
N LEU B 92 -5.59 -16.54 -13.20
CA LEU B 92 -6.43 -15.38 -13.53
C LEU B 92 -6.60 -14.46 -12.34
N LYS B 93 -6.75 -15.07 -11.16
CA LYS B 93 -6.83 -14.35 -9.91
C LYS B 93 -5.62 -13.44 -9.75
N GLU B 94 -4.43 -14.02 -9.97
CA GLU B 94 -3.17 -13.30 -9.81
C GLU B 94 -3.04 -12.18 -10.82
N LEU B 95 -3.58 -12.41 -12.02
CA LEU B 95 -3.63 -11.41 -13.08
C LEU B 95 -4.53 -10.24 -12.72
N ALA B 96 -5.72 -10.52 -12.20
CA ALA B 96 -6.62 -9.50 -11.68
C ALA B 96 -5.96 -8.68 -10.58
N ASP B 97 -5.25 -9.34 -9.69
CA ASP B 97 -4.49 -8.68 -8.63
C ASP B 97 -3.44 -7.70 -9.22
N ALA B 98 -2.54 -8.23 -10.04
CA ALA B 98 -1.52 -7.42 -10.71
C ALA B 98 -2.13 -6.25 -11.48
N SER B 99 -3.15 -6.53 -12.29
CA SER B 99 -3.85 -5.49 -13.02
C SER B 99 -4.39 -4.39 -12.12
N LEU B 100 -5.04 -4.76 -11.03
CA LEU B 100 -5.68 -3.79 -10.15
C LEU B 100 -4.75 -3.07 -9.19
N ARG B 101 -3.85 -3.82 -8.58
CA ARG B 101 -2.98 -3.27 -7.53
C ARG B 101 -1.67 -2.68 -8.06
N TYR B 102 -1.22 -3.14 -9.22
CA TYR B 102 0.04 -2.65 -9.81
C TYR B 102 -0.14 -1.96 -11.16
N SER B 103 -1.38 -1.95 -11.67
CA SER B 103 -1.70 -1.42 -13.00
C SER B 103 -0.84 -2.12 -14.06
N ASP B 104 -0.68 -3.43 -13.91
CA ASP B 104 0.09 -4.24 -14.84
C ASP B 104 -0.64 -4.29 -16.21
N ASN B 105 -0.07 -3.67 -17.23
CA ASN B 105 -0.72 -3.62 -18.56
C ASN B 105 -0.85 -4.97 -19.26
N ALA B 106 0.20 -5.81 -19.19
CA ALA B 106 0.16 -7.15 -19.77
C ALA B 106 -0.93 -8.00 -19.12
N ALA B 107 -1.05 -7.88 -17.79
CA ALA B 107 -2.17 -8.48 -17.03
C ALA B 107 -3.52 -8.08 -17.61
N GLN B 108 -3.71 -6.79 -17.86
CA GLN B 108 -4.97 -6.30 -18.45
C GLN B 108 -5.25 -6.90 -19.82
N ASN B 109 -4.24 -6.91 -20.69
CA ASN B 109 -4.38 -7.54 -22.00
C ASN B 109 -4.81 -9.00 -21.89
N LEU B 110 -4.15 -9.78 -21.03
CA LEU B 110 -4.55 -11.18 -20.82
C LEU B 110 -5.98 -11.34 -20.26
N ILE B 111 -6.39 -10.40 -19.41
CA ILE B 111 -7.73 -10.44 -18.82
C ILE B 111 -8.75 -10.13 -19.91
N LEU B 112 -8.44 -9.11 -20.72
CA LEU B 112 -9.24 -8.75 -21.87
C LEU B 112 -9.50 -9.88 -22.85
N LYS B 113 -8.44 -10.58 -23.28
CA LYS B 113 -8.58 -11.75 -24.15
C LYS B 113 -9.55 -12.77 -23.55
N GLN B 114 -9.45 -12.97 -22.23
CA GLN B 114 -10.35 -13.89 -21.52
C GLN B 114 -11.82 -13.56 -21.72
N ILE B 115 -12.16 -12.26 -21.72
CA ILE B 115 -13.57 -11.88 -21.82
C ILE B 115 -14.05 -11.62 -23.25
N GLY B 116 -13.10 -11.53 -24.18
CA GLY B 116 -13.43 -11.35 -25.60
C GLY B 116 -13.00 -10.03 -26.20
N GLY B 117 -12.14 -9.30 -25.50
CA GLY B 117 -11.61 -8.03 -26.01
C GLY B 117 -12.46 -6.82 -25.65
N PRO B 118 -12.06 -5.63 -26.12
CA PRO B 118 -12.75 -4.38 -25.82
C PRO B 118 -14.19 -4.34 -26.31
N GLU B 119 -14.48 -4.98 -27.45
CA GLU B 119 -15.86 -5.03 -27.97
C GLU B 119 -16.80 -5.80 -27.03
N SER B 120 -16.27 -6.85 -26.41
CA SER B 120 -17.02 -7.60 -25.41
C SER B 120 -17.15 -6.83 -24.11
N LEU B 121 -16.08 -6.15 -23.71
CA LEU B 121 -16.13 -5.28 -22.54
C LEU B 121 -17.24 -4.23 -22.72
N LYS B 122 -17.23 -3.57 -23.87
CA LYS B 122 -18.26 -2.59 -24.23
C LYS B 122 -19.67 -3.16 -24.10
N LYS B 123 -19.91 -4.31 -24.73
CA LYS B 123 -21.21 -4.99 -24.69
C LYS B 123 -21.68 -5.23 -23.27
N GLU B 124 -20.77 -5.68 -22.39
CA GLU B 124 -21.14 -5.95 -21.00
C GLU B 124 -21.33 -4.68 -20.16
N LEU B 125 -20.69 -3.58 -20.57
CA LEU B 125 -20.94 -2.31 -19.89
C LEU B 125 -22.29 -1.72 -20.32
N ARG B 126 -22.62 -1.88 -21.59
CA ARG B 126 -23.96 -1.49 -22.07
C ARG B 126 -25.04 -2.22 -21.26
N LYS B 127 -24.81 -3.49 -20.94
CA LYS B 127 -25.79 -4.28 -20.18
C LYS B 127 -26.06 -3.80 -18.75
N ILE B 128 -25.07 -3.18 -18.10
CA ILE B 128 -25.31 -2.58 -16.77
C ILE B 128 -25.88 -1.16 -16.85
N GLY B 129 -26.10 -0.66 -18.08
CA GLY B 129 -26.69 0.67 -18.29
C GLY B 129 -25.70 1.77 -18.60
N ASP B 130 -24.46 1.40 -18.92
CA ASP B 130 -23.42 2.37 -19.29
C ASP B 130 -23.40 2.58 -20.79
N GLU B 131 -23.88 3.75 -21.20
CA GLU B 131 -23.94 4.08 -22.62
C GLU B 131 -22.89 5.11 -23.03
N VAL B 132 -22.02 5.51 -22.10
CA VAL B 132 -20.99 6.54 -22.39
C VAL B 132 -19.58 5.97 -22.53
N THR B 133 -19.19 5.05 -21.64
CA THR B 133 -17.84 4.47 -21.65
C THR B 133 -17.58 3.73 -22.96
N ASN B 134 -16.51 4.10 -23.66
CA ASN B 134 -16.24 3.55 -25.01
C ASN B 134 -14.94 2.77 -25.16
N PRO B 135 -14.90 1.51 -24.69
CA PRO B 135 -13.68 0.74 -24.91
C PRO B 135 -13.50 0.43 -26.39
N GLU B 136 -12.31 0.70 -26.92
CA GLU B 136 -12.04 0.50 -28.35
C GLU B 136 -10.79 -0.35 -28.58
N ARG B 137 -9.68 0.03 -27.92
CA ARG B 137 -8.38 -0.59 -28.13
C ARG B 137 -7.95 -1.40 -26.90
N PHE B 138 -7.01 -2.34 -27.09
CA PHE B 138 -6.45 -3.10 -25.96
C PHE B 138 -5.65 -2.22 -25.01
N CYS B 139 -4.82 -1.37 -25.60
CA CYS B 139 -4.17 -0.32 -24.84
C CYS B 139 -4.50 1.05 -25.44
N PRO B 140 -5.36 1.80 -24.75
CA PRO B 140 -5.45 3.23 -25.00
C PRO B 140 -4.64 3.97 -23.96
N GLU B 141 -3.62 4.71 -24.40
CA GLU B 141 -2.89 5.59 -23.49
C GLU B 141 -2.22 6.79 -24.18
N LEU B 142 -1.66 6.66 -25.40
CA LEU B 142 -0.78 5.60 -25.90
C LEU B 142 0.01 6.22 -27.08
N ASN B 143 -0.60 6.58 -28.23
CA ASN B 143 -2.05 6.60 -28.63
C ASN B 143 -2.99 7.68 -28.09
N GLU B 144 -2.68 8.93 -28.42
CA GLU B 144 -3.43 10.10 -27.98
C GLU B 144 -4.79 10.26 -28.64
N VAL B 145 -5.68 10.97 -27.96
CA VAL B 145 -6.97 11.45 -28.53
C VAL B 145 -7.75 12.26 -27.49
N ASN B 146 -8.04 13.54 -27.76
CA ASN B 146 -7.39 14.33 -28.82
C ASN B 146 -7.41 15.85 -28.58
N PRO B 147 -8.58 16.44 -28.20
CA PRO B 147 -9.92 15.86 -28.03
C PRO B 147 -10.79 15.92 -29.31
N GLY B 148 -12.11 16.06 -29.13
CA GLY B 148 -13.03 16.04 -30.26
C GLY B 148 -13.68 14.70 -30.50
N GLU B 149 -13.00 13.60 -30.14
CA GLU B 149 -13.59 12.26 -30.31
C GLU B 149 -13.62 11.37 -29.06
N THR B 150 -14.38 10.29 -29.12
CA THR B 150 -14.84 9.60 -27.92
C THR B 150 -14.31 8.18 -27.69
N GLN B 151 -13.50 7.65 -28.59
CA GLN B 151 -13.00 6.29 -28.38
C GLN B 151 -12.06 6.22 -27.17
N ASP B 152 -12.28 5.21 -26.34
CA ASP B 152 -11.55 5.02 -25.09
C ASP B 152 -11.70 6.18 -24.09
N THR B 153 -12.87 6.79 -24.10
CA THR B 153 -13.20 7.85 -23.16
C THR B 153 -14.42 7.49 -22.34
N SER B 154 -14.60 8.24 -21.27
CA SER B 154 -15.81 8.18 -20.47
C SER B 154 -15.89 9.50 -19.76
N THR B 155 -16.84 9.61 -18.83
CA THR B 155 -17.03 10.81 -18.05
C THR B 155 -16.95 10.41 -16.57
N ALA B 156 -16.80 11.41 -15.69
CA ALA B 156 -16.73 11.16 -14.26
C ALA B 156 -18.01 10.47 -13.75
N ARG B 157 -19.17 11.00 -14.16
CA ARG B 157 -20.50 10.43 -13.84
C ARG B 157 -20.65 8.94 -14.22
N ALA B 158 -20.24 8.58 -15.43
CA ALA B 158 -20.38 7.21 -15.91
C ALA B 158 -19.49 6.23 -15.16
N LEU B 159 -18.22 6.60 -14.96
CA LEU B 159 -17.27 5.75 -14.24
C LEU B 159 -17.71 5.54 -12.81
N VAL B 160 -18.26 6.57 -12.18
CA VAL B 160 -18.81 6.47 -10.83
C VAL B 160 -19.99 5.48 -10.83
N THR B 161 -20.91 5.67 -11.77
CA THR B 161 -22.14 4.88 -11.87
C THR B 161 -21.83 3.40 -12.12
N SER B 162 -20.89 3.14 -13.04
CA SER B 162 -20.43 1.78 -13.33
C SER B 162 -19.59 1.14 -12.21
N LEU B 163 -18.71 1.92 -11.58
CA LEU B 163 -17.96 1.41 -10.44
C LEU B 163 -18.92 1.02 -9.30
N ARG B 164 -19.87 1.90 -8.99
CA ARG B 164 -20.85 1.62 -7.95
C ARG B 164 -21.58 0.32 -8.25
N ALA B 165 -22.02 0.17 -9.51
CA ALA B 165 -22.77 -1.01 -9.95
C ALA B 165 -22.05 -2.30 -9.61
N PHE B 166 -20.77 -2.40 -9.98
CA PHE B 166 -19.98 -3.60 -9.69
C PHE B 166 -19.61 -3.74 -8.22
N ALA B 167 -19.08 -2.66 -7.63
CA ALA B 167 -18.46 -2.73 -6.30
C ALA B 167 -19.43 -2.75 -5.11
N LEU B 168 -20.58 -2.09 -5.27
CA LEU B 168 -21.48 -1.80 -4.14
C LEU B 168 -22.90 -2.31 -4.34
N GLU B 169 -23.38 -2.26 -5.58
CA GLU B 169 -24.76 -2.61 -5.89
C GLU B 169 -24.88 -4.09 -6.22
N ASP B 170 -25.64 -4.44 -7.25
CA ASP B 170 -26.00 -5.84 -7.44
C ASP B 170 -25.43 -6.56 -8.66
N LYS B 171 -24.51 -5.94 -9.41
CA LYS B 171 -24.03 -6.56 -10.66
C LYS B 171 -23.07 -7.73 -10.46
N LEU B 172 -22.52 -7.85 -9.26
CA LEU B 172 -21.71 -9.01 -8.86
C LEU B 172 -22.34 -9.75 -7.67
N PRO B 173 -22.16 -11.08 -7.58
CA PRO B 173 -22.58 -11.78 -6.35
C PRO B 173 -21.59 -11.49 -5.22
N SER B 174 -22.07 -11.44 -3.98
CA SER B 174 -21.31 -10.83 -2.87
C SER B 174 -19.88 -11.34 -2.67
N GLU B 175 -19.65 -12.63 -2.90
CA GLU B 175 -18.32 -13.22 -2.68
C GLU B 175 -17.29 -12.78 -3.70
N LYS B 176 -17.75 -12.54 -4.92
CA LYS B 176 -16.90 -11.98 -5.96
C LYS B 176 -16.76 -10.47 -5.78
N ARG B 177 -17.83 -9.82 -5.31
CA ARG B 177 -17.78 -8.39 -5.01
C ARG B 177 -16.68 -8.13 -3.96
N GLU B 178 -16.55 -9.03 -2.99
CA GLU B 178 -15.50 -8.97 -1.96
C GLU B 178 -14.07 -8.96 -2.54
N LEU B 179 -13.85 -9.71 -3.60
CA LEU B 179 -12.54 -9.77 -4.26
C LEU B 179 -12.17 -8.43 -4.88
N LEU B 180 -13.13 -7.83 -5.59
CA LEU B 180 -12.95 -6.55 -6.25
C LEU B 180 -12.62 -5.45 -5.24
N ILE B 181 -13.38 -5.39 -4.16
CA ILE B 181 -13.14 -4.41 -3.12
C ILE B 181 -11.80 -4.62 -2.42
N ASP B 182 -11.44 -5.87 -2.12
CA ASP B 182 -10.14 -6.16 -1.48
C ASP B 182 -8.95 -5.75 -2.35
N TRP B 183 -9.00 -6.06 -3.64
CA TRP B 183 -7.95 -5.64 -4.58
C TRP B 183 -7.83 -4.11 -4.65
N MET B 184 -8.96 -3.42 -4.78
CA MET B 184 -8.96 -1.96 -4.87
C MET B 184 -8.56 -1.28 -3.57
N LYS B 185 -8.97 -1.84 -2.43
CA LYS B 185 -8.51 -1.35 -1.15
C LYS B 185 -6.98 -1.41 -1.02
N ARG B 186 -6.38 -2.44 -1.61
CA ARG B 186 -4.95 -2.69 -1.46
C ARG B 186 -4.14 -2.27 -2.69
N ASN B 187 -4.71 -1.37 -3.48
CA ASN B 187 -3.98 -0.72 -4.57
C ASN B 187 -2.69 -0.08 -4.09
N THR B 188 -1.62 -0.24 -4.89
CA THR B 188 -0.31 0.32 -4.56
C THR B 188 -0.01 1.64 -5.27
N THR B 189 -0.84 2.00 -6.25
CA THR B 189 -0.49 3.12 -7.16
C THR B 189 -1.14 4.47 -6.83
N GLY B 190 -1.98 4.53 -5.80
CA GLY B 190 -2.81 5.71 -5.58
C GLY B 190 -2.61 6.52 -4.32
N ASP B 191 -1.49 6.34 -3.64
CA ASP B 191 -1.23 7.07 -2.38
C ASP B 191 -1.23 8.58 -2.51
N ALA B 192 -0.82 9.12 -3.66
CA ALA B 192 -0.70 10.57 -3.83
C ALA B 192 -1.97 11.23 -4.42
N LEU B 193 -2.99 10.41 -4.69
CA LEU B 193 -4.22 10.87 -5.32
C LEU B 193 -5.37 10.98 -4.31
N ILE B 194 -6.50 10.32 -4.57
CA ILE B 194 -7.69 10.39 -3.69
C ILE B 194 -7.36 10.06 -2.24
N ARG B 195 -6.53 9.04 -2.03
CA ARG B 195 -6.09 8.64 -0.69
C ARG B 195 -5.43 9.79 0.07
N ALA B 196 -4.74 10.66 -0.65
CA ALA B 196 -4.06 11.82 -0.04
C ALA B 196 -5.00 12.98 0.28
N GLY B 197 -6.26 12.87 -0.15
CA GLY B 197 -7.26 13.92 0.09
C GLY B 197 -8.34 13.59 1.12
N VAL B 198 -8.20 12.45 1.80
CA VAL B 198 -9.11 12.10 2.89
C VAL B 198 -8.31 11.91 4.17
N PRO B 199 -8.96 12.01 5.35
CA PRO B 199 -8.16 11.76 6.56
C PRO B 199 -7.85 10.27 6.74
N ASP B 200 -6.78 9.98 7.49
CA ASP B 200 -6.47 8.61 7.91
C ASP B 200 -7.66 8.02 8.66
N GLY B 201 -7.91 6.72 8.43
CA GLY B 201 -9.01 6.04 9.11
C GLY B 201 -10.21 5.92 8.20
N TRP B 202 -10.22 6.72 7.14
CA TRP B 202 -11.21 6.60 6.08
C TRP B 202 -10.67 5.66 5.00
N GLU B 203 -11.22 4.44 4.97
CA GLU B 203 -10.86 3.43 3.96
C GLU B 203 -11.07 3.91 2.54
N VAL B 204 -10.16 3.54 1.66
CA VAL B 204 -10.26 3.87 0.26
C VAL B 204 -9.98 2.65 -0.61
N ALA B 205 -10.88 2.38 -1.56
CA ALA B 205 -10.61 1.46 -2.65
C ALA B 205 -10.51 2.29 -3.95
N ASP B 206 -9.39 2.20 -4.66
CA ASP B 206 -9.18 3.05 -5.84
C ASP B 206 -8.48 2.37 -7.03
N LYS B 207 -8.71 2.91 -8.23
CA LYS B 207 -7.91 2.55 -9.41
C LYS B 207 -7.49 3.82 -10.13
N THR B 208 -6.20 3.92 -10.45
CA THR B 208 -5.63 5.10 -11.07
C THR B 208 -5.49 4.94 -12.59
N GLY B 209 -5.31 6.08 -13.27
CA GLY B 209 -4.98 6.06 -14.69
C GLY B 209 -4.12 7.24 -15.12
N ALA B 210 -3.26 6.99 -16.08
CA ALA B 210 -2.44 8.00 -16.70
C ALA B 210 -2.43 7.89 -18.21
N ALA B 211 -2.59 9.01 -19.10
CA ALA B 211 -2.45 8.96 -20.55
C ALA B 211 -1.73 10.10 -21.20
N SER B 212 -1.11 10.45 -22.62
CA SER B 212 -0.86 11.68 -23.33
C SER B 212 -1.74 12.80 -22.77
N TYR B 213 -1.37 14.04 -23.17
CA TYR B 213 -2.09 15.23 -22.72
C TYR B 213 -2.23 15.30 -21.20
N GLY B 214 -1.19 14.84 -20.50
CA GLY B 214 -1.16 14.85 -19.04
C GLY B 214 -2.43 14.36 -18.35
N THR B 215 -3.05 13.33 -18.93
CA THR B 215 -4.25 12.75 -18.33
C THR B 215 -3.87 12.00 -17.05
N ARG B 216 -4.55 12.35 -15.98
CA ARG B 216 -4.32 11.75 -14.68
C ARG B 216 -5.65 11.57 -13.93
N ASN B 217 -6.02 10.30 -13.70
CA ASN B 217 -7.35 9.94 -13.19
C ASN B 217 -7.27 9.03 -11.98
N ASP B 218 -8.25 9.15 -11.11
CA ASP B 218 -8.42 8.20 -10.04
C ASP B 218 -9.91 8.05 -9.77
N ILE B 219 -10.37 6.80 -9.73
CA ILE B 219 -11.74 6.50 -9.35
C ILE B 219 -11.71 5.66 -8.06
N ALA B 220 -12.64 5.92 -7.16
CA ALA B 220 -12.54 5.38 -5.82
C ALA B 220 -13.86 5.19 -5.13
N ILE B 221 -13.86 4.29 -4.15
CA ILE B 221 -14.88 4.20 -3.12
C ILE B 221 -14.21 4.61 -1.81
N ILE B 222 -14.91 5.41 -1.00
CA ILE B 222 -14.37 5.94 0.26
C ILE B 222 -15.36 5.63 1.37
N TRP B 223 -14.89 5.02 2.45
CA TRP B 223 -15.72 4.71 3.59
C TRP B 223 -15.44 5.69 4.74
N PRO B 224 -16.33 6.49 5.47
CA PRO B 224 -16.19 7.42 6.59
C PRO B 224 -16.20 6.64 7.88
N PRO B 225 -15.23 6.60 9.09
CA PRO B 225 -15.58 5.76 10.21
C PRO B 225 -17.01 5.21 10.14
N LYS B 226 -17.98 5.98 10.36
CA LYS B 226 -19.39 5.60 10.42
C LYS B 226 -20.22 6.20 9.30
N GLY B 227 -20.77 5.31 8.47
CA GLY B 227 -21.69 5.71 7.41
C GLY B 227 -21.56 4.97 6.09
N ASP B 228 -22.45 5.32 5.17
CA ASP B 228 -22.47 4.77 3.82
C ASP B 228 -21.33 5.30 2.95
N PRO B 229 -20.78 4.45 2.07
CA PRO B 229 -19.66 4.81 1.21
C PRO B 229 -19.94 5.96 0.25
N VAL B 230 -18.87 6.69 -0.08
CA VAL B 230 -18.88 7.70 -1.12
C VAL B 230 -18.17 7.12 -2.35
N VAL B 231 -18.77 7.27 -3.52
CA VAL B 231 -18.03 6.90 -4.73
C VAL B 231 -17.70 8.12 -5.59
N LEU B 232 -16.44 8.21 -6.01
CA LEU B 232 -15.87 9.44 -6.56
C LEU B 232 -15.00 9.14 -7.78
N ALA B 233 -15.10 10.00 -8.79
CA ALA B 233 -14.13 10.01 -9.90
C ALA B 233 -13.53 11.42 -10.06
N VAL B 234 -12.21 11.48 -10.11
CA VAL B 234 -11.48 12.71 -10.40
C VAL B 234 -10.68 12.48 -11.67
N LEU B 235 -11.06 13.18 -12.73
CA LEU B 235 -10.37 13.06 -14.02
C LEU B 235 -9.69 14.39 -14.33
N SER B 236 -8.59 14.32 -15.09
CA SER B 236 -7.82 15.52 -15.40
C SER B 236 -6.99 15.34 -16.65
N SER B 237 -6.85 16.41 -17.41
CA SER B 237 -6.00 16.43 -18.59
C SER B 237 -5.40 17.82 -18.81
N ARG B 238 -4.40 17.90 -19.67
CA ARG B 238 -3.74 19.17 -19.96
C ARG B 238 -3.69 19.46 -21.47
N ASP B 239 -3.27 20.67 -21.84
CA ASP B 239 -3.35 21.12 -23.24
C ASP B 239 -2.30 20.55 -24.20
N LYS B 240 -1.16 20.12 -23.69
CA LYS B 240 -0.10 19.59 -24.55
C LYS B 240 0.00 18.07 -24.50
N LYS B 241 0.10 17.46 -25.68
CA LYS B 241 0.28 16.01 -25.86
C LYS B 241 1.36 15.42 -24.95
N ASP B 242 2.42 16.20 -24.74
CA ASP B 242 3.64 15.78 -24.07
C ASP B 242 3.64 16.10 -22.57
N ALA B 243 2.60 16.79 -22.11
CA ALA B 243 2.52 17.27 -20.72
C ALA B 243 2.76 16.20 -19.63
N LYS B 244 3.28 16.67 -18.50
CA LYS B 244 3.40 15.86 -17.28
C LYS B 244 2.22 16.21 -16.38
N TYR B 245 1.86 15.32 -15.46
CA TYR B 245 0.77 15.58 -14.53
C TYR B 245 1.28 15.82 -13.12
N ASP B 246 0.42 16.39 -12.28
CA ASP B 246 0.70 16.55 -10.86
C ASP B 246 -0.40 15.86 -10.05
N ASP B 247 0.00 14.85 -9.28
CA ASP B 247 -0.93 14.10 -8.42
C ASP B 247 -1.60 15.00 -7.39
N LYS B 248 -0.88 16.03 -6.96
CA LYS B 248 -1.40 16.99 -5.98
C LYS B 248 -2.73 17.59 -6.41
N LEU B 249 -2.95 17.73 -7.72
CA LEU B 249 -4.24 18.16 -8.24
C LEU B 249 -5.37 17.22 -7.82
N ILE B 250 -5.16 15.91 -7.99
CA ILE B 250 -6.19 14.94 -7.63
C ILE B 250 -6.45 14.98 -6.11
N ALA B 251 -5.36 15.01 -5.33
CA ALA B 251 -5.46 15.08 -3.88
C ALA B 251 -6.20 16.31 -3.43
N GLU B 252 -5.84 17.45 -4.00
CA GLU B 252 -6.50 18.72 -3.65
C GLU B 252 -7.98 18.78 -4.08
N ALA B 253 -8.30 18.23 -5.25
CA ALA B 253 -9.68 18.18 -5.71
C ALA B 253 -10.55 17.33 -4.78
N THR B 254 -9.96 16.27 -4.24
CA THR B 254 -10.64 15.38 -3.32
C THR B 254 -11.00 16.10 -2.01
N LYS B 255 -10.09 16.94 -1.51
CA LYS B 255 -10.36 17.72 -0.29
C LYS B 255 -11.57 18.62 -0.48
N VAL B 256 -11.64 19.26 -1.64
CA VAL B 256 -12.76 20.12 -2.02
C VAL B 256 -14.07 19.34 -2.06
N VAL B 257 -14.02 18.12 -2.59
CA VAL B 257 -15.20 17.24 -2.65
C VAL B 257 -15.74 16.87 -1.25
N MET B 258 -14.84 16.43 -0.37
CA MET B 258 -15.22 15.91 0.95
C MET B 258 -15.82 17.00 1.81
N LYS B 259 -15.24 18.19 1.72
CA LYS B 259 -15.75 19.38 2.38
C LYS B 259 -17.16 19.71 1.89
N ALA B 260 -17.36 19.64 0.57
CA ALA B 260 -18.66 19.99 -0.03
C ALA B 260 -19.79 19.05 0.40
N LEU B 261 -19.44 17.79 0.67
CA LEU B 261 -20.35 16.83 1.30
C LEU B 261 -20.35 17.13 2.83
N ASN B 262 -20.03 16.20 3.75
CA ASN B 262 -20.17 14.75 3.61
C ASN B 262 -21.23 14.29 4.62
NAB BB0 C . 7.98 9.26 21.19
CAF BB0 C . 2.17 4.75 23.97
CAG BB0 C . 3.24 5.74 23.57
CAH BB0 C . 3.33 6.95 24.28
CAI BB0 C . 4.30 7.89 23.95
CAJ BB0 C . 5.17 7.62 22.89
CAK BB0 C . 5.08 6.43 22.18
CAL BB0 C . 4.11 5.48 22.52
CAM BB0 C . 6.15 8.57 22.56
CAN BB0 C . 7.04 8.33 21.51
CAO BB0 C . 6.93 7.12 20.81
CAP BB0 C . 5.96 6.18 21.13
CAQ BB0 C . 8.09 10.51 21.92
CAR BB0 C . 8.92 9.04 20.09
CAS BB0 C . 1.85 3.62 23.04
OAU BB0 C . 1.58 4.91 25.03
NAB BB0 D . 5.94 6.44 -23.83
CAF BB0 D . 0.74 0.76 -24.07
CAG BB0 D . 1.90 1.67 -24.19
CAH BB0 D . 3.05 1.28 -24.86
CAI BB0 D . 4.12 2.15 -24.96
CAJ BB0 D . 4.06 3.38 -24.37
CAK BB0 D . 2.91 3.73 -23.69
CAL BB0 D . 1.83 2.89 -23.59
CAM BB0 D . 5.11 4.26 -24.45
CAN BB0 D . 4.98 5.50 -23.83
CAO BB0 D . 3.85 5.81 -23.15
CAP BB0 D . 2.82 4.94 -23.09
CAQ BB0 D . 7.20 6.25 -24.48
CAR BB0 D . 5.69 7.67 -23.12
CAS BB0 D . -0.59 1.43 -23.84
OAU BB0 D . 0.91 -0.46 -24.18
#